data_7Z5T
#
_entry.id   7Z5T
#
_cell.length_a   39.918
_cell.length_b   100.786
_cell.length_c   116.151
_cell.angle_alpha   90.000
_cell.angle_beta   90.000
_cell.angle_gamma   90.000
#
_symmetry.space_group_name_H-M   'P 21 21 21'
#
loop_
_entity.id
_entity.type
_entity.pdbx_description
1 polymer 'Botulinum neurotoxin'
2 non-polymer 'ACETATE ION'
3 non-polymer 'PENTAETHYLENE GLYCOL'
4 water water
#
_entity_poly.entity_id   1
_entity_poly.type   'polypeptide(L)'
_entity_poly.pdbx_seq_one_letter_code
;MHHHHHHKNIVNTSILSIVYKKDDLIDLSRYGAKINIGDRVYYDSIDKNQIKLINLESSTIEVILKNAIVYNSMYENFST
SFWIKIPKYFSKINLNNEYTIINCIENNSGWKVSLNYGEIIWTLQDNKQNIQRVVFKYSQMVNISDYINRWIFVTITNNR
LTKSKIYINGRLIDQKPISNLGNIHASNKIMFKLDGCRDPRRYIMIKYFNLFDKELNEKEIKDLYDSQSNSGILKDFWGN
YLQYDKPYYMLNLFDPNKYVDVNNIGIRGYMYLKGPRGSVVTTNIYLNSTLYEGTKFIIKKYASGNEDNIVRNNDRVYIN
VVVKNKEYRLATNASQAGVEKILSALEIPDVGNLSQVVVMKSKDDQGIRNKCKMNLQDNNGNDIGFIGFHLYDNIAKLVA
SNWYNRQVGKASRTFGCSWEFIPVDDGWGESSL
;
_entity_poly.pdbx_strand_id   AAA
#
loop_
_chem_comp.id
_chem_comp.type
_chem_comp.name
_chem_comp.formula
1PE non-polymer 'PENTAETHYLENE GLYCOL' 'C10 H22 O6'
ACT non-polymer 'ACETATE ION' 'C2 H3 O2 -1'
#
# COMPACT_ATOMS: atom_id res chain seq x y z
N THR A 13 5.00 25.00 -3.70
CA THR A 13 4.40 25.28 -5.04
C THR A 13 3.03 24.60 -5.18
N SER A 14 2.37 24.25 -4.05
CA SER A 14 1.11 23.45 -4.02
C SER A 14 -0.03 24.43 -4.24
N ILE A 15 -0.85 24.17 -5.25
CA ILE A 15 -2.00 25.06 -5.56
C ILE A 15 -3.32 24.38 -5.19
N LEU A 16 -3.26 23.12 -4.75
CA LEU A 16 -4.43 22.37 -4.18
C LEU A 16 -3.88 21.25 -3.33
N SER A 17 -4.32 21.13 -2.09
CA SER A 17 -3.82 20.07 -1.22
C SER A 17 -4.96 19.66 -0.30
N ILE A 18 -5.56 18.50 -0.58
CA ILE A 18 -6.83 18.06 0.04
C ILE A 18 -6.51 17.17 1.23
N VAL A 19 -7.08 17.52 2.37
CA VAL A 19 -6.92 16.71 3.61
C VAL A 19 -8.28 16.70 4.31
N TYR A 20 -8.46 15.67 5.14
CA TYR A 20 -9.64 15.51 6.02
C TYR A 20 -9.35 16.32 7.28
N LYS A 21 -10.30 17.16 7.70
CA LYS A 21 -10.15 17.96 8.96
C LYS A 21 -11.52 18.46 9.41
N LYS A 22 -11.82 18.35 10.72
CA LYS A 22 -13.08 18.90 11.31
C LYS A 22 -14.30 18.42 10.49
N ASP A 23 -14.39 17.11 10.28
CA ASP A 23 -15.55 16.42 9.67
C ASP A 23 -15.77 16.91 8.23
N ASP A 24 -14.70 17.18 7.47
CA ASP A 24 -14.84 17.76 6.11
C ASP A 24 -13.55 17.49 5.34
N LEU A 25 -13.60 17.52 4.02
CA LEU A 25 -12.39 17.61 3.17
C LEU A 25 -12.14 19.10 2.92
N ILE A 26 -10.93 19.58 3.17
CA ILE A 26 -10.60 21.00 2.89
C ILE A 26 -9.34 21.06 2.05
N ASP A 27 -9.15 22.20 1.38
CA ASP A 27 -7.92 22.56 0.65
C ASP A 27 -7.02 23.34 1.60
N LEU A 28 -5.83 22.82 1.89
CA LEU A 28 -4.83 23.52 2.73
C LEU A 28 -4.11 24.62 1.96
N SER A 29 -4.26 24.67 0.63
CA SER A 29 -3.48 25.65 -0.19
C SER A 29 -4.03 27.06 0.10
N ARG A 30 -3.26 28.08 -0.25
CA ARG A 30 -3.70 29.48 -0.05
C ARG A 30 -4.88 29.79 -0.99
N TYR A 31 -5.23 28.90 -1.94
CA TYR A 31 -6.25 29.22 -2.97
C TYR A 31 -7.66 28.74 -2.54
N GLY A 32 -7.75 28.03 -1.42
CA GLY A 32 -9.01 27.69 -0.73
C GLY A 32 -10.08 27.16 -1.67
N ALA A 33 -9.80 26.10 -2.45
CA ALA A 33 -10.77 25.48 -3.38
C ALA A 33 -12.05 25.11 -2.60
N LYS A 34 -13.20 25.25 -3.22
CA LYS A 34 -14.49 24.78 -2.66
C LYS A 34 -14.58 23.27 -2.96
N ILE A 35 -14.95 22.47 -1.94
CA ILE A 35 -15.11 20.99 -2.08
C ILE A 35 -16.54 20.59 -1.74
N ASN A 36 -17.23 19.96 -2.69
CA ASN A 36 -18.62 19.45 -2.51
C ASN A 36 -18.55 17.93 -2.53
N ILE A 37 -19.05 17.30 -1.47
CA ILE A 37 -18.96 15.82 -1.32
C ILE A 37 -20.37 15.25 -1.39
N GLY A 38 -20.56 14.27 -2.27
CA GLY A 38 -21.78 13.50 -2.45
C GLY A 38 -22.07 12.61 -1.25
N ASP A 39 -23.29 12.09 -1.13
CA ASP A 39 -23.71 11.31 0.06
C ASP A 39 -23.23 9.85 0.00
N ARG A 40 -22.50 9.42 -1.05
CA ARG A 40 -21.99 8.03 -1.16
C ARG A 40 -20.46 8.00 -1.24
N VAL A 41 -19.85 9.03 -0.70
CA VAL A 41 -18.39 9.05 -0.33
C VAL A 41 -18.26 8.58 1.11
N TYR A 42 -17.26 7.75 1.36
CA TYR A 42 -17.00 7.12 2.67
C TYR A 42 -15.53 7.32 3.06
N TYR A 43 -15.27 7.20 4.35
CA TYR A 43 -13.95 7.45 4.97
C TYR A 43 -13.62 6.25 5.85
N ASP A 44 -12.36 5.85 5.86
CA ASP A 44 -11.83 4.82 6.77
C ASP A 44 -11.90 5.39 8.20
N SER A 45 -12.48 4.69 9.19
CA SER A 45 -12.58 5.22 10.58
C SER A 45 -11.18 5.35 11.23
N ILE A 46 -10.25 4.48 10.86
CA ILE A 46 -8.85 4.44 11.38
C ILE A 46 -8.04 5.62 10.83
N ASP A 47 -8.45 6.21 9.69
CA ASP A 47 -7.68 7.28 8.99
C ASP A 47 -8.59 7.94 7.94
N LYS A 48 -9.24 9.04 8.32
CA LYS A 48 -10.33 9.67 7.55
C LYS A 48 -9.76 10.34 6.29
N ASN A 49 -8.44 10.42 6.16
CA ASN A 49 -7.83 10.86 4.89
C ASN A 49 -7.99 9.75 3.85
N GLN A 50 -8.26 8.51 4.26
CA GLN A 50 -8.47 7.43 3.27
C GLN A 50 -9.94 7.46 2.84
N ILE A 51 -10.17 7.98 1.65
CA ILE A 51 -11.50 8.22 1.03
C ILE A 51 -11.83 7.03 0.16
N LYS A 52 -13.07 6.60 0.23
CA LYS A 52 -13.56 5.51 -0.62
C LYS A 52 -14.64 6.06 -1.55
N LEU A 53 -14.41 5.86 -2.84
CA LEU A 53 -15.38 6.19 -3.92
C LEU A 53 -15.91 4.89 -4.49
N ILE A 54 -17.22 4.74 -4.56
CA ILE A 54 -17.88 3.52 -5.08
C ILE A 54 -18.64 3.87 -6.37
N ASN A 55 -19.16 2.85 -7.04
CA ASN A 55 -19.68 3.04 -8.39
C ASN A 55 -21.16 3.40 -8.29
N LEU A 56 -21.41 4.61 -7.80
CA LEU A 56 -22.75 5.23 -7.69
C LEU A 56 -22.63 6.71 -8.04
N GLU A 57 -23.69 7.24 -8.63
CA GLU A 57 -23.75 8.63 -9.13
C GLU A 57 -23.41 9.65 -8.05
N SER A 58 -23.74 9.42 -6.77
CA SER A 58 -23.54 10.44 -5.72
C SER A 58 -22.28 10.15 -4.90
N SER A 59 -21.44 9.21 -5.34
CA SER A 59 -20.10 8.95 -4.79
C SER A 59 -19.11 9.86 -5.55
N THR A 60 -19.14 11.14 -5.19
CA THR A 60 -18.49 12.24 -5.93
C THR A 60 -17.81 13.19 -4.96
N ILE A 61 -16.61 13.61 -5.31
CA ILE A 61 -15.99 14.80 -4.70
C ILE A 61 -15.76 15.78 -5.85
N GLU A 62 -16.37 16.95 -5.76
CA GLU A 62 -16.20 17.98 -6.81
C GLU A 62 -15.40 19.13 -6.21
N VAL A 63 -14.22 19.40 -6.75
CA VAL A 63 -13.34 20.52 -6.30
C VAL A 63 -13.52 21.67 -7.29
N ILE A 64 -13.93 22.83 -6.82
CA ILE A 64 -14.07 24.05 -7.69
C ILE A 64 -12.88 24.96 -7.39
N LEU A 65 -11.97 25.02 -8.34
CA LEU A 65 -10.76 25.88 -8.26
C LEU A 65 -11.17 27.34 -8.50
N LYS A 66 -10.54 28.28 -7.82
CA LYS A 66 -10.68 29.70 -8.18
C LYS A 66 -10.25 29.93 -9.64
N ASN A 67 -10.96 30.81 -10.35
CA ASN A 67 -10.64 31.18 -11.75
C ASN A 67 -9.14 31.46 -11.86
N ALA A 68 -8.57 32.19 -10.90
CA ALA A 68 -7.16 32.61 -10.92
C ALA A 68 -6.26 31.44 -11.30
N ILE A 69 -6.54 30.22 -10.86
CA ILE A 69 -5.50 29.13 -10.94
C ILE A 69 -5.93 28.04 -11.89
N VAL A 70 -7.07 28.22 -12.57
CA VAL A 70 -7.49 27.25 -13.62
C VAL A 70 -6.36 27.16 -14.64
N TYR A 71 -5.98 25.95 -15.03
CA TYR A 71 -4.88 25.75 -16.00
C TYR A 71 -5.37 26.18 -17.39
N ASN A 72 -4.69 27.15 -18.01
CA ASN A 72 -5.00 27.63 -19.37
C ASN A 72 -3.73 28.18 -20.01
N SER A 73 -2.93 27.31 -20.60
CA SER A 73 -1.55 27.65 -21.01
C SER A 73 -1.07 26.68 -22.08
N MET A 74 -0.10 27.15 -22.86
CA MET A 74 0.73 26.34 -23.76
C MET A 74 2.02 25.93 -23.05
N TYR A 75 2.40 26.63 -21.96
CA TYR A 75 3.79 26.56 -21.43
C TYR A 75 3.89 26.25 -19.94
N GLU A 76 2.88 26.48 -19.11
CA GLU A 76 2.98 26.36 -17.65
C GLU A 76 3.14 24.86 -17.29
N ASN A 77 4.18 24.53 -16.54
CA ASN A 77 4.47 23.14 -16.13
C ASN A 77 3.55 22.85 -14.94
N PHE A 78 3.17 21.59 -14.76
CA PHE A 78 2.35 21.20 -13.61
C PHE A 78 2.44 19.72 -13.34
N SER A 79 2.09 19.40 -12.08
CA SER A 79 2.25 18.04 -11.52
C SER A 79 1.07 17.77 -10.60
N THR A 80 0.84 16.49 -10.37
CA THR A 80 -0.19 15.97 -9.44
C THR A 80 0.41 14.79 -8.70
N SER A 81 0.05 14.67 -7.43
CA SER A 81 0.37 13.49 -6.62
C SER A 81 -0.88 13.08 -5.84
N PHE A 82 -0.94 11.79 -5.58
CA PHE A 82 -2.02 11.19 -4.74
C PHE A 82 -1.65 9.74 -4.49
N TRP A 83 -2.21 9.19 -3.41
CA TRP A 83 -2.12 7.74 -3.16
C TRP A 83 -3.42 7.10 -3.58
N ILE A 84 -3.32 5.89 -4.12
CA ILE A 84 -4.52 5.16 -4.57
C ILE A 84 -4.41 3.70 -4.12
N LYS A 85 -5.55 3.08 -3.88
CA LYS A 85 -5.65 1.63 -3.56
C LYS A 85 -6.74 1.05 -4.46
N ILE A 86 -6.37 0.10 -5.29
CA ILE A 86 -7.26 -0.41 -6.38
C ILE A 86 -7.47 -1.87 -6.08
N PRO A 87 -8.70 -2.28 -5.74
CA PRO A 87 -9.00 -3.67 -5.48
C PRO A 87 -8.68 -4.52 -6.71
N LYS A 88 -8.38 -5.79 -6.46
CA LYS A 88 -8.13 -6.76 -7.54
C LYS A 88 -9.33 -6.76 -8.49
N TYR A 89 -9.05 -6.80 -9.78
CA TYR A 89 -10.09 -7.01 -10.83
C TYR A 89 -10.41 -8.50 -10.85
N PHE A 90 -11.68 -8.86 -10.64
CA PHE A 90 -12.11 -10.28 -10.47
C PHE A 90 -12.71 -10.90 -11.75
N SER A 91 -13.28 -10.15 -12.69
CA SER A 91 -14.08 -10.83 -13.76
C SER A 91 -13.87 -10.20 -15.13
N LYS A 92 -14.24 -10.94 -16.17
CA LYS A 92 -14.15 -10.49 -17.59
C LYS A 92 -14.77 -9.10 -17.79
N ILE A 93 -15.76 -8.69 -17.00
CA ILE A 93 -16.43 -7.36 -17.13
C ILE A 93 -15.42 -6.22 -16.95
N ASN A 94 -14.29 -6.45 -16.29
CA ASN A 94 -13.30 -5.39 -15.98
C ASN A 94 -12.31 -5.24 -17.13
N LEU A 95 -12.26 -6.23 -18.02
CA LEU A 95 -11.36 -6.15 -19.19
C LEU A 95 -11.93 -5.09 -20.15
N ASN A 96 -11.06 -4.32 -20.77
CA ASN A 96 -11.46 -3.40 -21.86
C ASN A 96 -12.53 -2.40 -21.42
N ASN A 97 -12.29 -1.72 -20.30
CA ASN A 97 -13.28 -0.78 -19.70
C ASN A 97 -12.49 0.33 -19.03
N GLU A 98 -11.96 1.26 -19.82
CA GLU A 98 -11.27 2.43 -19.26
C GLU A 98 -12.37 3.29 -18.63
N TYR A 99 -12.18 3.69 -17.37
CA TYR A 99 -13.11 4.54 -16.61
C TYR A 99 -12.30 5.67 -15.98
N THR A 100 -12.81 6.88 -16.13
CA THR A 100 -12.24 8.07 -15.49
C THR A 100 -12.42 7.98 -13.99
N ILE A 101 -11.44 8.42 -13.23
CA ILE A 101 -11.61 8.56 -11.76
C ILE A 101 -11.40 10.00 -11.33
N ILE A 102 -10.54 10.75 -12.01
CA ILE A 102 -10.28 12.17 -11.66
C ILE A 102 -10.36 12.97 -12.96
N ASN A 103 -11.42 13.76 -13.12
CA ASN A 103 -11.72 14.42 -14.41
CA ASN A 103 -11.70 14.42 -14.42
C ASN A 103 -11.49 15.93 -14.29
N CYS A 104 -10.65 16.49 -15.18
CA CYS A 104 -10.47 17.95 -15.33
C CYS A 104 -10.48 18.29 -16.83
N ILE A 105 -11.47 17.77 -17.53
CA ILE A 105 -11.68 18.02 -18.99
C ILE A 105 -12.89 18.95 -19.08
N GLU A 106 -12.78 19.99 -19.90
CA GLU A 106 -13.90 20.90 -20.25
C GLU A 106 -13.82 21.11 -21.76
N ASN A 107 -14.89 20.83 -22.50
N ASN A 107 -14.91 20.84 -22.47
CA ASN A 107 -14.97 21.13 -23.95
CA ASN A 107 -15.02 21.05 -23.93
C ASN A 107 -13.80 20.43 -24.65
C ASN A 107 -13.79 20.44 -24.60
N ASN A 108 -13.49 19.19 -24.25
CA ASN A 108 -12.47 18.34 -24.92
C ASN A 108 -11.05 18.91 -24.71
N SER A 109 -10.80 19.74 -23.70
CA SER A 109 -9.41 20.08 -23.27
C SER A 109 -9.25 19.88 -21.77
N GLY A 110 -8.03 19.54 -21.37
CA GLY A 110 -7.60 19.50 -19.96
C GLY A 110 -6.86 18.22 -19.68
N TRP A 111 -7.10 17.67 -18.48
CA TRP A 111 -6.40 16.44 -18.05
C TRP A 111 -7.38 15.54 -17.30
N LYS A 112 -7.02 14.28 -17.23
CA LYS A 112 -7.77 13.30 -16.43
C LYS A 112 -6.87 12.16 -16.02
N VAL A 113 -7.26 11.55 -14.89
CA VAL A 113 -6.74 10.21 -14.52
C VAL A 113 -7.84 9.22 -14.77
N SER A 114 -7.49 8.09 -15.36
CA SER A 114 -8.44 7.01 -15.57
C SER A 114 -7.75 5.68 -15.20
N LEU A 115 -8.58 4.67 -15.00
CA LEU A 115 -8.18 3.28 -14.71
C LEU A 115 -8.69 2.36 -15.79
N ASN A 116 -8.03 1.23 -15.90
CA ASN A 116 -8.51 0.10 -16.71
C ASN A 116 -7.94 -1.13 -16.02
N TYR A 117 -8.35 -2.31 -16.46
CA TYR A 117 -7.77 -3.60 -15.97
C TYR A 117 -6.25 -3.49 -15.97
N GLY A 118 -5.61 -3.58 -14.78
CA GLY A 118 -4.14 -3.50 -14.64
C GLY A 118 -3.54 -2.18 -15.06
N GLU A 119 -4.26 -1.05 -15.05
CA GLU A 119 -3.68 0.20 -15.59
C GLU A 119 -4.09 1.42 -14.78
N ILE A 120 -3.14 2.32 -14.68
CA ILE A 120 -3.39 3.74 -14.29
C ILE A 120 -2.97 4.60 -15.48
N ILE A 121 -3.84 5.48 -15.93
CA ILE A 121 -3.66 6.26 -17.19
C ILE A 121 -3.79 7.76 -16.90
N TRP A 122 -2.86 8.51 -17.46
CA TRP A 122 -2.88 9.99 -17.46
C TRP A 122 -3.13 10.45 -18.88
N THR A 123 -4.10 11.33 -19.06
CA THR A 123 -4.49 11.84 -20.41
C THR A 123 -4.44 13.37 -20.38
N LEU A 124 -3.68 13.95 -21.33
CA LEU A 124 -3.65 15.41 -21.61
C LEU A 124 -4.34 15.64 -22.96
N GLN A 125 -5.15 16.68 -23.04
CA GLN A 125 -5.86 17.03 -24.30
C GLN A 125 -5.75 18.54 -24.54
N ASP A 126 -5.25 18.98 -25.70
CA ASP A 126 -5.23 20.43 -26.00
C ASP A 126 -6.54 20.83 -26.68
N ASN A 127 -6.67 22.12 -27.01
CA ASN A 127 -7.94 22.70 -27.57
C ASN A 127 -8.02 22.45 -29.09
N LYS A 128 -7.13 21.64 -29.67
CA LYS A 128 -7.27 21.14 -31.07
C LYS A 128 -7.44 19.62 -31.07
N GLN A 129 -7.68 19.02 -29.90
CA GLN A 129 -7.97 17.58 -29.67
C GLN A 129 -6.78 16.74 -30.13
N ASN A 130 -5.58 17.27 -29.96
CA ASN A 130 -4.39 16.40 -29.85
C ASN A 130 -4.39 15.85 -28.42
N ILE A 131 -4.04 14.58 -28.29
CA ILE A 131 -4.03 13.83 -27.01
C ILE A 131 -2.65 13.23 -26.83
N GLN A 132 -2.21 13.15 -25.57
CA GLN A 132 -1.11 12.27 -25.18
C GLN A 132 -1.50 11.56 -23.88
N ARG A 133 -1.10 10.29 -23.79
CA ARG A 133 -1.41 9.36 -22.67
C ARG A 133 -0.11 8.79 -22.15
N VAL A 134 0.04 8.72 -20.82
CA VAL A 134 1.12 7.91 -20.22
C VAL A 134 0.44 6.91 -19.30
N VAL A 135 1.00 5.72 -19.25
CA VAL A 135 0.33 4.55 -18.66
C VAL A 135 1.27 3.79 -17.73
N PHE A 136 0.73 3.41 -16.59
CA PHE A 136 1.36 2.41 -15.69
C PHE A 136 0.55 1.13 -15.81
N LYS A 137 1.20 0.05 -16.23
CA LYS A 137 0.60 -1.28 -16.41
C LYS A 137 1.16 -2.17 -15.31
N TYR A 138 0.28 -2.86 -14.61
CA TYR A 138 0.70 -3.86 -13.59
C TYR A 138 -0.02 -5.16 -13.86
N SER A 139 0.67 -6.28 -13.72
CA SER A 139 0.10 -7.61 -14.03
C SER A 139 -0.71 -8.17 -12.84
N GLN A 140 -1.80 -8.89 -13.12
CA GLN A 140 -2.53 -9.68 -12.08
C GLN A 140 -2.12 -11.17 -12.20
N MET A 141 -1.16 -11.48 -13.06
CA MET A 141 -0.71 -12.87 -13.32
C MET A 141 0.66 -13.02 -12.67
N VAL A 142 0.75 -12.69 -11.39
CA VAL A 142 2.01 -12.70 -10.61
C VAL A 142 1.73 -13.38 -9.26
N ASN A 143 2.69 -14.10 -8.71
CA ASN A 143 2.54 -14.80 -7.40
C ASN A 143 2.19 -13.79 -6.31
N ILE A 144 3.00 -12.74 -6.19
CA ILE A 144 2.85 -11.69 -5.17
C ILE A 144 2.98 -10.34 -5.88
N SER A 145 1.99 -9.48 -5.77
CA SER A 145 1.99 -8.16 -6.45
C SER A 145 2.31 -7.04 -5.45
N ASP A 146 3.19 -6.11 -5.87
CA ASP A 146 3.46 -4.84 -5.14
C ASP A 146 2.24 -3.90 -5.26
N TYR A 147 1.30 -4.16 -6.16
CA TYR A 147 0.32 -3.13 -6.58
C TYR A 147 -1.11 -3.51 -6.26
N ILE A 148 -1.48 -4.77 -6.42
CA ILE A 148 -2.92 -5.12 -6.37
C ILE A 148 -3.49 -4.85 -4.99
N ASN A 149 -4.50 -4.00 -4.88
CA ASN A 149 -5.16 -3.78 -3.56
C ASN A 149 -4.20 -3.22 -2.50
N ARG A 150 -3.07 -2.62 -2.89
CA ARG A 150 -2.09 -1.98 -1.98
C ARG A 150 -2.03 -0.48 -2.21
N TRP A 151 -1.78 0.30 -1.18
CA TRP A 151 -1.61 1.76 -1.40
C TRP A 151 -0.41 1.94 -2.33
N ILE A 152 -0.61 2.71 -3.40
CA ILE A 152 0.40 3.11 -4.42
C ILE A 152 0.51 4.63 -4.39
N PHE A 153 1.74 5.16 -4.42
CA PHE A 153 1.98 6.62 -4.55
C PHE A 153 2.15 6.93 -6.02
N VAL A 154 1.22 7.73 -6.55
CA VAL A 154 1.22 8.17 -7.95
C VAL A 154 1.74 9.60 -8.02
N THR A 155 2.69 9.83 -8.91
CA THR A 155 3.09 11.22 -9.21
C THR A 155 3.17 11.40 -10.72
N ILE A 156 2.53 12.45 -11.22
CA ILE A 156 2.55 12.71 -12.69
C ILE A 156 3.10 14.11 -12.89
N THR A 157 4.14 14.26 -13.72
CA THR A 157 4.78 15.59 -13.94
C THR A 157 4.59 15.96 -15.40
N ASN A 158 4.46 17.24 -15.70
CA ASN A 158 4.21 17.70 -17.10
C ASN A 158 5.11 18.89 -17.37
N ASN A 159 6.10 18.70 -18.25
CA ASN A 159 6.97 19.81 -18.74
C ASN A 159 6.53 20.08 -20.17
N ARG A 160 5.92 21.23 -20.41
CA ARG A 160 5.26 21.53 -21.71
C ARG A 160 6.29 21.59 -22.84
N LEU A 161 7.58 21.71 -22.52
CA LEU A 161 8.64 21.72 -23.56
C LEU A 161 9.16 20.31 -23.80
N THR A 162 8.93 19.36 -22.91
CA THR A 162 9.53 18.02 -23.06
C THR A 162 8.46 16.93 -22.95
N LYS A 163 8.28 16.39 -21.74
CA LYS A 163 7.53 15.14 -21.55
C LYS A 163 6.55 15.20 -20.37
N SER A 164 5.52 14.37 -20.47
N SER A 164 5.50 14.39 -20.47
CA SER A 164 4.67 13.93 -19.34
CA SER A 164 4.67 13.95 -19.32
C SER A 164 5.29 12.66 -18.77
C SER A 164 5.30 12.68 -18.76
N LYS A 165 5.36 12.56 -17.44
CA LYS A 165 6.00 11.42 -16.76
C LYS A 165 5.08 10.89 -15.65
N ILE A 166 4.93 9.59 -15.61
CA ILE A 166 4.22 8.95 -14.47
C ILE A 166 5.25 8.16 -13.64
N TYR A 167 5.24 8.44 -12.36
CA TYR A 167 6.03 7.78 -11.31
C TYR A 167 5.09 6.94 -10.45
N ILE A 168 5.53 5.76 -10.06
CA ILE A 168 4.81 4.89 -9.08
C ILE A 168 5.77 4.62 -7.91
N ASN A 169 5.40 5.04 -6.70
CA ASN A 169 6.22 4.83 -5.49
C ASN A 169 7.60 5.47 -5.71
N GLY A 170 7.64 6.63 -6.34
CA GLY A 170 8.88 7.41 -6.59
C GLY A 170 9.74 6.94 -7.75
N ARG A 171 9.36 5.89 -8.46
CA ARG A 171 10.15 5.30 -9.56
C ARG A 171 9.49 5.71 -10.88
N LEU A 172 10.30 6.15 -11.85
CA LEU A 172 9.78 6.54 -13.18
C LEU A 172 9.29 5.29 -13.89
N ILE A 173 8.04 5.30 -14.35
CA ILE A 173 7.42 4.14 -15.05
C ILE A 173 7.30 4.42 -16.54
N ASP A 174 6.71 5.55 -16.94
CA ASP A 174 6.45 5.84 -18.37
C ASP A 174 6.68 7.34 -18.58
N GLN A 175 7.12 7.70 -19.79
CA GLN A 175 7.25 9.12 -20.18
C GLN A 175 6.91 9.20 -21.65
N LYS A 176 6.25 10.26 -22.05
CA LYS A 176 5.92 10.49 -23.47
C LYS A 176 6.15 11.95 -23.80
N PRO A 177 6.58 12.24 -25.05
CA PRO A 177 6.73 13.63 -25.49
C PRO A 177 5.37 14.33 -25.60
N ILE A 178 5.28 15.60 -25.16
CA ILE A 178 4.00 16.38 -25.23
C ILE A 178 4.20 17.72 -25.95
N SER A 179 5.37 17.95 -26.57
CA SER A 179 5.74 19.31 -27.03
C SER A 179 4.86 19.66 -28.24
N ASN A 180 4.24 18.66 -28.86
CA ASN A 180 3.24 18.82 -29.95
C ASN A 180 1.88 19.29 -29.40
N LEU A 181 1.60 19.26 -28.08
CA LEU A 181 0.28 19.74 -27.59
C LEU A 181 0.36 21.26 -27.51
N GLY A 182 -0.72 21.91 -27.94
CA GLY A 182 -0.84 23.36 -27.92
C GLY A 182 -1.43 23.84 -26.61
N ASN A 183 -2.40 24.74 -26.71
CA ASN A 183 -3.03 25.31 -25.50
C ASN A 183 -3.90 24.25 -24.85
N ILE A 184 -3.64 23.97 -23.59
CA ILE A 184 -4.52 23.09 -22.76
C ILE A 184 -5.27 24.02 -21.84
N HIS A 185 -6.59 23.97 -21.95
CA HIS A 185 -7.51 24.76 -21.09
C HIS A 185 -8.35 23.74 -20.30
N ALA A 186 -7.95 23.47 -19.06
CA ALA A 186 -8.59 22.46 -18.21
C ALA A 186 -9.81 23.09 -17.54
N SER A 187 -10.58 22.28 -16.85
CA SER A 187 -11.83 22.70 -16.18
C SER A 187 -11.49 23.51 -14.93
N ASN A 188 -12.45 24.30 -14.42
CA ASN A 188 -12.36 24.88 -13.06
C ASN A 188 -12.83 23.84 -12.05
N LYS A 189 -13.34 22.70 -12.53
CA LYS A 189 -13.88 21.63 -11.63
C LYS A 189 -13.01 20.39 -11.77
N ILE A 190 -12.61 19.82 -10.65
CA ILE A 190 -12.00 18.48 -10.63
C ILE A 190 -13.03 17.55 -10.01
N MET A 191 -13.45 16.57 -10.80
CA MET A 191 -14.48 15.62 -10.39
C MET A 191 -13.79 14.30 -10.05
N PHE A 192 -13.83 13.91 -8.77
CA PHE A 192 -13.43 12.58 -8.29
C PHE A 192 -14.68 11.71 -8.28
N LYS A 193 -14.69 10.70 -9.15
CA LYS A 193 -15.87 9.88 -9.42
C LYS A 193 -15.50 8.75 -10.38
N LEU A 194 -15.97 7.53 -10.16
CA LEU A 194 -15.86 6.47 -11.19
C LEU A 194 -16.82 6.81 -12.32
N ASP A 195 -16.29 7.08 -13.49
CA ASP A 195 -17.08 7.57 -14.65
C ASP A 195 -16.88 6.57 -15.77
N GLY A 196 -17.95 5.86 -16.14
CA GLY A 196 -17.93 4.90 -17.26
C GLY A 196 -17.50 3.51 -16.85
N CYS A 197 -17.52 3.22 -15.54
CA CYS A 197 -17.14 1.87 -15.07
C CYS A 197 -18.39 0.97 -15.14
N ARG A 198 -18.33 -0.11 -15.91
CA ARG A 198 -19.48 -1.01 -16.14
C ARG A 198 -19.65 -2.02 -14.99
N ASP A 199 -18.70 -2.11 -14.06
CA ASP A 199 -18.77 -3.08 -12.93
C ASP A 199 -19.33 -2.38 -11.70
N PRO A 200 -20.57 -2.70 -11.26
CA PRO A 200 -21.19 -1.93 -10.19
C PRO A 200 -20.52 -2.18 -8.83
N ARG A 201 -19.62 -3.15 -8.75
CA ARG A 201 -18.92 -3.57 -7.50
C ARG A 201 -17.61 -2.79 -7.36
N ARG A 202 -17.18 -2.07 -8.39
CA ARG A 202 -15.84 -1.41 -8.34
C ARG A 202 -15.85 -0.25 -7.35
N TYR A 203 -14.69 -0.06 -6.75
CA TYR A 203 -14.43 1.08 -5.86
C TYR A 203 -12.94 1.35 -5.92
N ILE A 204 -12.57 2.52 -5.43
CA ILE A 204 -11.14 2.83 -5.17
C ILE A 204 -11.08 3.47 -3.81
N MET A 205 -9.87 3.51 -3.27
CA MET A 205 -9.57 4.42 -2.16
C MET A 205 -8.48 5.36 -2.60
N ILE A 206 -8.57 6.61 -2.10
CA ILE A 206 -7.63 7.68 -2.53
C ILE A 206 -7.32 8.52 -1.30
N LYS A 207 -6.13 9.09 -1.26
CA LYS A 207 -5.73 10.06 -0.20
C LYS A 207 -4.63 11.02 -0.68
N TYR A 208 -4.60 12.19 -0.04
CA TYR A 208 -3.57 13.25 -0.18
C TYR A 208 -3.46 13.72 -1.64
N PHE A 209 -4.58 14.04 -2.28
CA PHE A 209 -4.52 14.64 -3.63
C PHE A 209 -3.87 16.03 -3.56
N ASN A 210 -2.82 16.21 -4.37
CA ASN A 210 -2.08 17.49 -4.50
C ASN A 210 -1.97 17.92 -5.98
N LEU A 211 -2.07 19.22 -6.22
CA LEU A 211 -1.66 19.85 -7.50
C LEU A 211 -0.48 20.79 -7.26
N PHE A 212 0.43 20.84 -8.22
CA PHE A 212 1.63 21.70 -8.17
C PHE A 212 1.77 22.45 -9.49
N ASP A 213 2.25 23.69 -9.44
CA ASP A 213 2.43 24.53 -10.65
C ASP A 213 3.89 24.47 -11.08
N LYS A 214 4.52 23.30 -11.04
CA LYS A 214 5.85 23.05 -11.67
C LYS A 214 5.93 21.58 -12.04
N GLU A 215 6.96 21.23 -12.80
CA GLU A 215 7.40 19.84 -13.03
C GLU A 215 8.23 19.46 -11.82
N LEU A 216 7.71 18.58 -10.95
CA LEU A 216 8.49 18.08 -9.80
C LEU A 216 9.69 17.31 -10.34
N ASN A 217 10.86 17.45 -9.69
CA ASN A 217 12.05 16.64 -10.06
C ASN A 217 12.08 15.36 -9.21
N GLU A 218 12.96 14.43 -9.56
CA GLU A 218 13.09 13.10 -8.90
C GLU A 218 13.30 13.26 -7.40
N LYS A 219 14.08 14.25 -6.97
CA LYS A 219 14.36 14.42 -5.53
C LYS A 219 13.07 14.89 -4.82
N GLU A 220 12.37 15.88 -5.36
CA GLU A 220 11.12 16.40 -4.74
C GLU A 220 10.08 15.28 -4.66
N ILE A 221 10.01 14.44 -5.69
CA ILE A 221 9.10 13.27 -5.74
C ILE A 221 9.48 12.25 -4.63
N LYS A 222 10.76 11.88 -4.53
CA LYS A 222 11.22 10.91 -3.49
C LYS A 222 10.88 11.45 -2.09
N ASP A 223 11.10 12.75 -1.87
CA ASP A 223 10.90 13.40 -0.55
C ASP A 223 9.41 13.42 -0.22
N LEU A 224 8.55 13.74 -1.20
CA LEU A 224 7.08 13.65 -1.04
C LEU A 224 6.66 12.21 -0.64
N TYR A 225 7.14 11.22 -1.38
CA TYR A 225 6.85 9.78 -1.17
C TYR A 225 7.21 9.35 0.26
N ASP A 226 8.47 9.56 0.62
CA ASP A 226 9.04 9.19 1.94
C ASP A 226 8.26 9.93 3.02
N SER A 227 8.06 11.22 2.85
CA SER A 227 7.29 12.04 3.81
C SER A 227 5.89 11.45 4.03
N GLN A 228 5.04 11.44 3.02
CA GLN A 228 3.62 11.00 3.18
C GLN A 228 3.56 9.51 3.57
N SER A 229 4.60 8.71 3.33
CA SER A 229 4.66 7.25 3.62
C SER A 229 4.63 7.03 5.14
N ASN A 230 5.36 7.88 5.89
CA ASN A 230 5.42 7.93 7.37
C ASN A 230 6.02 6.63 7.93
N SER A 231 7.34 6.50 7.78
CA SER A 231 8.18 5.35 8.18
C SER A 231 8.16 5.14 9.70
N GLY A 232 7.63 6.11 10.47
CA GLY A 232 7.41 5.99 11.92
C GLY A 232 6.31 4.98 12.30
N ILE A 233 5.42 4.61 11.37
CA ILE A 233 4.26 3.71 11.67
C ILE A 233 4.46 2.48 10.81
N LEU A 234 4.42 1.29 11.39
CA LEU A 234 4.54 0.09 10.52
C LEU A 234 3.24 -0.04 9.74
N LYS A 235 3.39 -0.69 8.58
CA LYS A 235 2.29 -0.95 7.63
C LYS A 235 2.05 -2.47 7.56
N ASP A 236 0.78 -2.81 7.38
CA ASP A 236 0.40 -4.17 6.91
C ASP A 236 0.67 -4.29 5.41
N PHE A 237 0.43 -5.47 4.87
CA PHE A 237 0.68 -5.81 3.46
C PHE A 237 -0.02 -4.83 2.49
N TRP A 238 -1.23 -4.41 2.85
CA TRP A 238 -2.10 -3.55 2.00
C TRP A 238 -1.63 -2.11 2.13
N GLY A 239 -0.76 -1.79 3.09
CA GLY A 239 -0.27 -0.42 3.29
C GLY A 239 -1.04 0.35 4.33
N ASN A 240 -2.02 -0.26 5.00
CA ASN A 240 -2.70 0.36 6.15
C ASN A 240 -1.79 0.28 7.40
N TYR A 241 -2.15 1.03 8.44
CA TYR A 241 -1.46 0.97 9.74
C TYR A 241 -1.45 -0.48 10.25
N LEU A 242 -0.28 -0.98 10.60
CA LEU A 242 -0.20 -2.25 11.40
C LEU A 242 -0.80 -2.02 12.78
N GLN A 243 -1.51 -3.02 13.29
CA GLN A 243 -2.28 -2.88 14.54
C GLN A 243 -1.95 -4.02 15.50
N TYR A 244 -2.05 -3.71 16.80
CA TYR A 244 -2.08 -4.66 17.93
C TYR A 244 -3.38 -5.45 17.88
N ASP A 245 -3.30 -6.69 18.34
CA ASP A 245 -4.47 -7.56 18.67
C ASP A 245 -5.23 -7.91 17.39
N LYS A 246 -4.58 -7.85 16.22
CA LYS A 246 -5.20 -8.11 14.90
C LYS A 246 -4.50 -9.33 14.32
N PRO A 247 -5.21 -10.44 14.01
CA PRO A 247 -4.54 -11.58 13.38
C PRO A 247 -4.05 -11.28 11.97
N TYR A 248 -2.82 -11.73 11.66
CA TYR A 248 -2.18 -11.50 10.37
C TYR A 248 -1.60 -12.81 9.85
N TYR A 249 -1.82 -13.11 8.59
CA TYR A 249 -1.04 -14.14 7.88
C TYR A 249 0.33 -13.53 7.59
N MET A 250 1.35 -14.36 7.57
CA MET A 250 2.74 -13.87 7.48
C MET A 250 3.37 -14.25 6.15
N LEU A 251 4.13 -13.31 5.61
CA LEU A 251 4.89 -13.49 4.35
C LEU A 251 6.33 -13.12 4.62
N ASN A 252 7.21 -14.06 4.32
CA ASN A 252 8.66 -13.85 4.33
C ASN A 252 9.09 -13.47 2.92
N LEU A 253 9.58 -12.25 2.75
CA LEU A 253 9.86 -11.72 1.39
C LEU A 253 10.96 -12.53 0.70
N PHE A 254 11.88 -13.16 1.45
CA PHE A 254 12.98 -13.89 0.80
C PHE A 254 12.49 -15.23 0.30
N ASP A 255 11.50 -15.84 0.97
CA ASP A 255 10.85 -17.11 0.60
C ASP A 255 9.34 -16.89 0.46
N PRO A 256 8.89 -16.13 -0.55
CA PRO A 256 7.48 -15.73 -0.67
C PRO A 256 6.50 -16.86 -1.02
N ASN A 257 6.99 -17.97 -1.55
CA ASN A 257 6.11 -19.12 -1.91
C ASN A 257 6.05 -20.12 -0.75
N LYS A 258 6.38 -19.70 0.46
CA LYS A 258 6.23 -20.56 1.66
C LYS A 258 5.34 -19.81 2.65
N TYR A 259 4.75 -20.55 3.57
CA TYR A 259 3.92 -19.95 4.64
C TYR A 259 4.43 -20.51 5.97
N VAL A 260 4.15 -19.80 7.04
CA VAL A 260 4.56 -20.23 8.40
C VAL A 260 3.67 -21.38 8.88
N ASP A 261 4.29 -22.37 9.50
CA ASP A 261 3.55 -23.47 10.16
C ASP A 261 4.30 -23.81 11.45
N VAL A 262 3.65 -24.59 12.28
CA VAL A 262 4.21 -25.02 13.60
C VAL A 262 4.38 -26.54 13.58
N ASN A 263 5.55 -27.00 13.97
CA ASN A 263 5.89 -28.43 14.21
C ASN A 263 5.83 -28.65 15.72
N ASN A 264 4.60 -28.77 16.23
CA ASN A 264 4.27 -29.09 17.64
C ASN A 264 4.39 -27.82 18.49
N ILE A 265 3.55 -27.77 19.51
CA ILE A 265 3.60 -26.70 20.54
C ILE A 265 4.73 -27.04 21.50
N GLY A 266 5.45 -26.01 21.96
CA GLY A 266 6.36 -26.06 23.10
C GLY A 266 7.79 -25.95 22.62
N ILE A 267 8.69 -25.91 23.58
CA ILE A 267 10.13 -25.59 23.36
C ILE A 267 10.78 -26.72 22.54
N ARG A 268 10.22 -27.92 22.53
CA ARG A 268 10.83 -29.04 21.77
C ARG A 268 10.28 -29.04 20.37
N GLY A 269 9.37 -28.12 20.06
CA GLY A 269 8.92 -27.92 18.69
C GLY A 269 9.54 -26.67 18.05
N TYR A 270 9.10 -26.36 16.85
CA TYR A 270 9.57 -25.14 16.15
C TYR A 270 8.54 -24.62 15.18
N MET A 271 8.67 -23.33 14.88
CA MET A 271 8.00 -22.72 13.74
C MET A 271 8.91 -22.84 12.51
N TYR A 272 8.30 -22.92 11.33
CA TYR A 272 9.09 -23.10 10.09
C TYR A 272 8.27 -22.59 8.92
N LEU A 273 8.99 -22.47 7.79
CA LEU A 273 8.35 -22.06 6.52
C LEU A 273 8.12 -23.30 5.66
N LYS A 274 6.89 -23.48 5.18
CA LYS A 274 6.45 -24.66 4.43
C LYS A 274 5.89 -24.20 3.08
N GLY A 275 6.13 -24.94 2.00
CA GLY A 275 5.61 -24.55 0.68
C GLY A 275 5.35 -25.77 -0.20
N PRO A 276 4.76 -25.59 -1.40
CA PRO A 276 4.39 -24.27 -1.87
C PRO A 276 3.07 -23.73 -1.32
N ARG A 277 2.89 -22.40 -1.43
CA ARG A 277 1.55 -21.75 -1.24
C ARG A 277 0.59 -22.27 -2.30
N GLY A 278 -0.71 -22.19 -2.03
CA GLY A 278 -1.78 -22.42 -3.02
C GLY A 278 -1.82 -21.31 -4.07
N SER A 279 -2.82 -21.36 -4.93
CA SER A 279 -3.11 -20.40 -6.02
C SER A 279 -4.56 -19.98 -5.92
N VAL A 280 -4.84 -18.72 -6.21
CA VAL A 280 -6.22 -18.22 -6.47
C VAL A 280 -6.22 -17.85 -7.95
N VAL A 281 -7.29 -18.15 -8.67
CA VAL A 281 -7.24 -18.04 -10.15
C VAL A 281 -8.64 -17.75 -10.67
N THR A 282 -8.72 -16.84 -11.62
CA THR A 282 -9.84 -16.75 -12.60
C THR A 282 -9.17 -16.65 -13.97
N THR A 283 -9.36 -17.63 -14.85
CA THR A 283 -8.61 -17.71 -16.13
C THR A 283 -8.64 -16.37 -16.85
N ASN A 284 -7.49 -15.91 -17.31
CA ASN A 284 -7.30 -14.66 -18.10
C ASN A 284 -7.49 -13.42 -17.24
N ILE A 285 -7.76 -13.51 -15.93
CA ILE A 285 -8.06 -12.28 -15.13
C ILE A 285 -7.01 -12.14 -14.01
N TYR A 286 -6.80 -13.21 -13.25
CA TYR A 286 -5.73 -13.24 -12.22
C TYR A 286 -5.29 -14.67 -11.93
N LEU A 287 -4.04 -14.76 -11.49
CA LEU A 287 -3.36 -15.99 -11.07
C LEU A 287 -2.30 -15.62 -10.04
N ASN A 288 -2.65 -15.78 -8.77
CA ASN A 288 -1.83 -15.30 -7.64
C ASN A 288 -1.58 -16.44 -6.63
N SER A 289 -0.55 -16.30 -5.80
CA SER A 289 -0.42 -17.12 -4.57
C SER A 289 -1.55 -16.80 -3.59
N THR A 290 -2.03 -17.82 -2.89
CA THR A 290 -2.90 -17.66 -1.70
C THR A 290 -2.10 -16.93 -0.64
N LEU A 291 -2.72 -15.92 -0.05
CA LEU A 291 -2.16 -15.12 1.03
C LEU A 291 -2.70 -15.58 2.38
N TYR A 292 -3.89 -16.19 2.41
CA TYR A 292 -4.55 -16.55 3.69
C TYR A 292 -4.12 -17.98 4.05
N GLU A 293 -2.83 -18.18 4.33
CA GLU A 293 -2.29 -19.53 4.54
C GLU A 293 -1.33 -19.52 5.72
N GLY A 294 -1.29 -20.60 6.51
CA GLY A 294 -0.31 -20.73 7.62
C GLY A 294 -0.81 -20.17 8.94
N THR A 295 0.02 -20.27 9.98
CA THR A 295 -0.36 -19.89 11.33
C THR A 295 -0.31 -18.36 11.38
N LYS A 296 -1.36 -17.77 11.89
CA LYS A 296 -1.45 -16.30 12.05
C LYS A 296 -0.60 -15.83 13.21
N PHE A 297 -0.09 -14.60 13.14
CA PHE A 297 0.60 -13.89 14.23
C PHE A 297 -0.33 -12.77 14.70
N ILE A 298 -0.29 -12.51 15.99
CA ILE A 298 -0.98 -11.37 16.64
C ILE A 298 0.08 -10.61 17.39
N ILE A 299 0.14 -9.30 17.19
CA ILE A 299 1.11 -8.41 17.88
C ILE A 299 0.48 -7.90 19.18
N LYS A 300 1.13 -8.19 20.30
CA LYS A 300 0.66 -7.87 21.69
C LYS A 300 1.52 -6.74 22.25
N LYS A 301 0.86 -5.81 22.96
CA LYS A 301 1.54 -4.67 23.60
C LYS A 301 2.43 -5.19 24.74
N TYR A 302 3.63 -4.65 24.81
CA TYR A 302 4.52 -4.70 26.00
C TYR A 302 4.40 -3.34 26.72
N GLY A 305 5.56 0.81 28.88
CA GLY A 305 5.11 0.56 27.49
C GLY A 305 4.11 1.61 27.02
N ASN A 306 2.86 1.52 27.52
CA ASN A 306 1.74 2.46 27.27
C ASN A 306 1.56 2.75 25.77
N GLU A 307 1.65 1.72 24.93
CA GLU A 307 1.46 1.85 23.46
C GLU A 307 -0.03 2.15 23.20
N ASP A 308 -0.36 2.84 22.09
CA ASP A 308 -1.77 3.00 21.59
C ASP A 308 -2.06 1.86 20.59
N ASN A 309 -3.17 1.89 19.83
CA ASN A 309 -3.62 0.75 18.96
C ASN A 309 -2.76 0.47 17.69
N ILE A 310 -1.90 1.39 17.31
CA ILE A 310 -1.07 1.30 16.08
C ILE A 310 0.35 0.90 16.47
N VAL A 311 0.96 -0.01 15.69
CA VAL A 311 2.34 -0.49 15.92
C VAL A 311 3.33 0.51 15.32
N ARG A 312 4.14 1.13 16.17
CA ARG A 312 5.04 2.21 15.76
C ARG A 312 6.47 1.67 15.73
N ASN A 313 7.30 2.31 14.93
CA ASN A 313 8.71 1.91 14.77
C ASN A 313 9.36 1.93 16.15
N ASN A 314 10.13 0.89 16.48
CA ASN A 314 10.83 0.63 17.77
C ASN A 314 9.88 0.26 18.92
N ASP A 315 8.58 0.06 18.70
CA ASP A 315 7.67 -0.46 19.73
C ASP A 315 8.16 -1.83 20.22
N ARG A 316 8.10 -2.06 21.53
CA ARG A 316 8.42 -3.39 22.15
C ARG A 316 7.12 -4.16 22.25
N VAL A 317 7.15 -5.41 21.80
CA VAL A 317 5.91 -6.23 21.69
C VAL A 317 6.21 -7.68 22.06
N TYR A 318 5.15 -8.43 22.33
CA TYR A 318 5.16 -9.91 22.18
C TYR A 318 4.51 -10.28 20.86
N ILE A 319 4.91 -11.44 20.34
CA ILE A 319 4.27 -12.09 19.17
C ILE A 319 3.51 -13.36 19.61
N ASN A 320 2.20 -13.35 19.45
CA ASN A 320 1.35 -14.54 19.67
C ASN A 320 1.18 -15.23 18.34
N VAL A 321 1.17 -16.55 18.36
CA VAL A 321 0.98 -17.43 17.20
C VAL A 321 -0.31 -18.20 17.43
N VAL A 322 -1.15 -18.24 16.40
CA VAL A 322 -2.46 -18.92 16.46
C VAL A 322 -2.36 -20.31 15.84
N VAL A 323 -2.60 -21.35 16.64
CA VAL A 323 -2.67 -22.76 16.17
C VAL A 323 -4.02 -23.35 16.60
N LYS A 324 -4.84 -23.76 15.62
CA LYS A 324 -6.19 -24.36 15.84
C LYS A 324 -6.96 -23.47 16.82
N ASN A 325 -7.02 -22.18 16.51
CA ASN A 325 -7.87 -21.20 17.20
C ASN A 325 -7.47 -21.10 18.68
N LYS A 326 -6.18 -21.26 18.99
CA LYS A 326 -5.61 -20.99 20.33
C LYS A 326 -4.32 -20.18 20.16
N GLU A 327 -4.04 -19.26 21.07
CA GLU A 327 -2.82 -18.41 21.05
C GLU A 327 -1.72 -19.02 21.89
N TYR A 328 -0.52 -18.96 21.33
CA TYR A 328 0.77 -19.35 21.93
C TYR A 328 1.74 -18.17 21.77
N ARG A 329 2.89 -18.23 22.43
CA ARG A 329 3.89 -17.13 22.46
C ARG A 329 5.10 -17.54 21.65
N LEU A 330 5.53 -16.70 20.71
CA LEU A 330 6.80 -16.91 19.97
C LEU A 330 7.93 -16.72 20.96
N ALA A 331 8.86 -17.68 21.07
CA ALA A 331 9.94 -17.58 22.07
C ALA A 331 11.05 -18.54 21.71
N THR A 332 12.18 -18.32 22.37
CA THR A 332 13.34 -19.22 22.23
C THR A 332 14.16 -19.22 23.51
N ASN A 333 14.98 -20.26 23.68
CA ASN A 333 16.03 -20.24 24.72
C ASN A 333 17.31 -19.76 24.07
N ALA A 334 17.70 -18.50 24.28
CA ALA A 334 18.88 -17.91 23.61
C ALA A 334 20.21 -18.51 24.13
N SER A 335 20.18 -19.29 25.21
CA SER A 335 21.36 -20.06 25.71
C SER A 335 21.64 -21.30 24.87
N GLN A 336 20.71 -21.71 24.00
N GLN A 336 20.70 -21.76 24.06
CA GLN A 336 20.89 -22.82 23.01
CA GLN A 336 20.98 -22.93 23.19
C GLN A 336 22.17 -22.56 22.22
C GLN A 336 22.17 -22.58 22.31
N ALA A 337 23.08 -23.54 22.13
CA ALA A 337 24.37 -23.36 21.42
C ALA A 337 24.06 -23.10 19.94
N GLY A 338 24.81 -22.19 19.31
CA GLY A 338 24.73 -21.87 17.87
C GLY A 338 24.33 -20.42 17.66
N VAL A 339 24.64 -19.88 16.50
CA VAL A 339 24.35 -18.47 16.16
C VAL A 339 22.83 -18.29 15.97
N GLU A 340 22.22 -19.26 15.33
CA GLU A 340 20.75 -19.29 15.08
C GLU A 340 20.03 -19.84 16.32
N LYS A 341 18.99 -19.12 16.78
CA LYS A 341 18.15 -19.50 17.93
C LYS A 341 16.79 -19.87 17.33
N ILE A 342 16.49 -21.16 17.27
CA ILE A 342 15.26 -21.68 16.65
C ILE A 342 14.06 -21.20 17.47
N LEU A 343 13.05 -20.71 16.79
CA LEU A 343 11.86 -20.14 17.46
C LEU A 343 10.79 -21.20 17.64
N SER A 344 10.08 -21.15 18.76
CA SER A 344 9.08 -22.14 19.16
C SER A 344 7.79 -21.38 19.45
N ALA A 345 6.69 -22.10 19.51
CA ALA A 345 5.39 -21.58 19.96
C ALA A 345 5.15 -22.14 21.36
N LEU A 346 5.23 -21.29 22.38
CA LEU A 346 5.18 -21.72 23.80
C LEU A 346 3.75 -21.57 24.32
N GLU A 347 3.34 -22.49 25.19
CA GLU A 347 2.17 -22.19 26.04
C GLU A 347 2.47 -20.90 26.80
N ILE A 348 1.56 -19.94 26.77
CA ILE A 348 1.83 -18.62 27.40
C ILE A 348 2.19 -18.83 28.87
N PRO A 349 1.44 -19.65 29.65
CA PRO A 349 1.80 -19.89 31.05
C PRO A 349 3.18 -20.50 31.31
N ASP A 350 3.80 -21.14 30.31
CA ASP A 350 5.10 -21.85 30.39
C ASP A 350 6.25 -21.02 29.82
N VAL A 351 6.07 -19.76 29.43
CA VAL A 351 7.15 -19.04 28.72
C VAL A 351 8.28 -18.75 29.71
N GLY A 352 7.97 -18.64 31.01
CA GLY A 352 8.98 -18.41 32.07
C GLY A 352 9.96 -17.33 31.68
N ASN A 353 11.25 -17.68 31.70
CA ASN A 353 12.38 -16.77 31.38
C ASN A 353 12.84 -16.82 29.91
N LEU A 354 12.07 -17.45 29.02
CA LEU A 354 12.49 -17.54 27.60
C LEU A 354 12.50 -16.15 26.94
N SER A 355 13.36 -15.98 25.94
CA SER A 355 13.39 -14.73 25.15
C SER A 355 12.12 -14.65 24.31
N GLN A 356 11.41 -13.53 24.46
CA GLN A 356 10.13 -13.29 23.78
C GLN A 356 9.91 -11.81 23.42
N VAL A 357 10.63 -10.86 24.00
CA VAL A 357 10.36 -9.44 23.69
C VAL A 357 10.91 -9.13 22.30
N VAL A 358 10.08 -8.52 21.48
CA VAL A 358 10.41 -8.18 20.10
C VAL A 358 10.35 -6.67 19.94
N VAL A 359 11.32 -6.11 19.23
CA VAL A 359 11.26 -4.68 18.83
C VAL A 359 10.85 -4.64 17.38
N MET A 360 9.71 -4.02 17.11
CA MET A 360 9.19 -3.88 15.73
C MET A 360 9.91 -2.75 15.02
N LYS A 361 10.37 -3.00 13.78
CA LYS A 361 11.03 -1.96 12.93
C LYS A 361 10.36 -1.86 11.56
N SER A 362 10.13 -0.61 11.11
CA SER A 362 9.75 -0.27 9.72
C SER A 362 10.97 -0.43 8.81
N LYS A 363 10.76 -0.68 7.53
CA LYS A 363 11.87 -0.71 6.53
C LYS A 363 11.27 -0.35 5.16
N ASP A 364 11.10 0.95 4.87
CA ASP A 364 10.51 1.44 3.60
C ASP A 364 11.54 2.33 2.88
N GLY A 367 12.61 -1.22 -2.13
CA GLY A 367 11.80 -1.51 -3.33
C GLY A 367 10.35 -1.84 -2.97
N ILE A 368 10.03 -3.12 -2.85
CA ILE A 368 8.66 -3.62 -2.51
C ILE A 368 8.21 -2.92 -1.21
N ARG A 369 6.98 -2.37 -1.17
CA ARG A 369 6.47 -1.64 0.01
C ARG A 369 6.08 -2.60 1.16
N ASN A 370 6.04 -2.06 2.39
CA ASN A 370 5.35 -2.59 3.59
C ASN A 370 6.20 -3.66 4.31
N LYS A 371 7.53 -3.59 4.14
CA LYS A 371 8.50 -4.53 4.79
C LYS A 371 8.64 -4.15 6.27
N CYS A 372 8.54 -5.14 7.16
CA CYS A 372 8.72 -5.04 8.62
C CYS A 372 9.86 -5.96 9.06
N LYS A 373 10.54 -5.60 10.14
CA LYS A 373 11.57 -6.42 10.78
C LYS A 373 11.19 -6.57 12.25
N MET A 374 11.66 -7.65 12.86
CA MET A 374 11.37 -8.00 14.27
C MET A 374 12.68 -8.38 14.95
N ASN A 375 13.08 -7.56 15.93
CA ASN A 375 14.38 -7.78 16.63
C ASN A 375 14.14 -8.40 18.03
N LEU A 376 14.53 -9.66 18.22
CA LEU A 376 14.29 -10.36 19.51
C LEU A 376 15.33 -9.92 20.55
N GLN A 377 14.86 -9.70 21.77
CA GLN A 377 15.71 -9.42 22.95
C GLN A 377 15.50 -10.47 24.05
N ASP A 378 16.53 -10.73 24.85
CA ASP A 378 16.36 -11.57 26.06
C ASP A 378 15.84 -10.69 27.22
N ASN A 379 15.57 -11.29 28.36
CA ASN A 379 14.95 -10.58 29.51
C ASN A 379 16.01 -9.78 30.30
N ASN A 380 17.27 -9.82 29.88
CA ASN A 380 18.39 -9.06 30.51
C ASN A 380 18.84 -7.94 29.56
N GLY A 381 18.09 -7.68 28.48
CA GLY A 381 18.30 -6.49 27.65
C GLY A 381 19.31 -6.72 26.53
N ASN A 382 19.67 -7.98 26.25
CA ASN A 382 20.63 -8.35 25.17
C ASN A 382 19.85 -8.58 23.87
N ASP A 383 20.32 -8.04 22.75
CA ASP A 383 19.77 -8.38 21.41
C ASP A 383 20.14 -9.80 21.04
N ILE A 384 19.15 -10.61 20.66
CA ILE A 384 19.33 -12.00 20.17
C ILE A 384 19.37 -11.96 18.64
N GLY A 385 18.78 -10.94 18.06
CA GLY A 385 18.87 -10.63 16.64
C GLY A 385 17.52 -10.60 15.94
N PHE A 386 17.55 -10.23 14.68
CA PHE A 386 16.32 -10.18 13.85
C PHE A 386 15.81 -11.60 13.62
N ILE A 387 14.47 -11.69 13.52
CA ILE A 387 13.74 -12.91 13.15
C ILE A 387 13.78 -13.10 11.65
N GLY A 388 14.22 -14.29 11.25
CA GLY A 388 14.23 -14.78 9.87
C GLY A 388 14.16 -16.30 9.89
N PHE A 389 14.97 -16.96 9.10
CA PHE A 389 14.88 -18.43 8.98
C PHE A 389 16.25 -18.94 8.60
N HIS A 390 16.44 -20.23 8.84
CA HIS A 390 17.69 -20.91 8.50
C HIS A 390 17.33 -22.32 8.03
N LEU A 391 18.03 -22.77 7.01
CA LEU A 391 17.76 -24.07 6.39
C LEU A 391 18.54 -25.10 7.19
N TYR A 392 17.82 -26.04 7.76
CA TYR A 392 18.42 -27.23 8.41
C TYR A 392 18.03 -28.43 7.57
N ASP A 393 18.91 -28.76 6.61
CA ASP A 393 18.70 -29.80 5.59
C ASP A 393 17.52 -29.35 4.72
N ASN A 394 16.35 -29.93 4.89
CA ASN A 394 15.27 -29.54 3.97
C ASN A 394 14.33 -28.57 4.68
N ILE A 395 14.60 -28.15 5.92
CA ILE A 395 13.51 -27.43 6.65
C ILE A 395 13.99 -26.04 7.01
N ALA A 396 13.23 -25.03 6.55
CA ALA A 396 13.48 -23.60 6.80
C ALA A 396 12.88 -23.22 8.15
N LYS A 397 13.65 -23.35 9.22
CA LYS A 397 13.11 -23.09 10.58
C LYS A 397 13.17 -21.59 10.86
N LEU A 398 12.17 -21.07 11.53
CA LEU A 398 12.30 -19.67 11.98
C LEU A 398 13.39 -19.58 13.05
N VAL A 399 14.19 -18.52 12.99
CA VAL A 399 15.31 -18.28 13.94
C VAL A 399 15.33 -16.80 14.28
N ALA A 400 15.94 -16.47 15.43
CA ALA A 400 16.49 -15.13 15.68
C ALA A 400 18.01 -15.27 15.51
N SER A 401 18.64 -14.34 14.78
CA SER A 401 20.11 -14.44 14.55
C SER A 401 20.74 -13.06 14.45
N ASN A 402 21.87 -12.87 15.15
CA ASN A 402 22.69 -11.65 14.94
C ASN A 402 23.32 -11.66 13.54
N TRP A 403 23.31 -12.77 12.81
CA TRP A 403 23.83 -12.78 11.42
C TRP A 403 23.18 -11.63 10.64
N TYR A 404 21.89 -11.38 10.89
CA TYR A 404 21.13 -10.23 10.34
C TYR A 404 21.57 -8.97 11.11
N THR A 414 21.70 -9.56 4.91
CA THR A 414 20.47 -8.86 5.40
C THR A 414 19.25 -9.27 4.55
N PHE A 415 19.21 -10.52 4.07
CA PHE A 415 18.10 -11.15 3.29
C PHE A 415 17.48 -12.28 4.13
N GLY A 416 16.14 -12.34 4.24
CA GLY A 416 15.42 -13.40 4.98
C GLY A 416 14.85 -12.90 6.29
N CYS A 417 15.13 -11.65 6.65
CA CYS A 417 14.64 -11.03 7.92
C CYS A 417 13.64 -9.92 7.65
N SER A 418 12.96 -9.94 6.50
CA SER A 418 11.92 -8.96 6.13
C SER A 418 10.57 -9.67 5.98
N TRP A 419 9.55 -9.13 6.62
CA TRP A 419 8.24 -9.79 6.77
C TRP A 419 7.11 -8.83 6.37
N GLU A 420 6.02 -9.39 5.87
CA GLU A 420 4.74 -8.66 5.73
C GLU A 420 3.67 -9.35 6.55
N PHE A 421 2.74 -8.54 7.06
CA PHE A 421 1.58 -8.93 7.88
C PHE A 421 0.31 -8.70 7.04
N ILE A 422 -0.43 -9.78 6.74
CA ILE A 422 -1.56 -9.78 5.77
C ILE A 422 -2.85 -10.06 6.52
N PRO A 423 -3.70 -9.04 6.74
CA PRO A 423 -5.06 -9.29 7.22
C PRO A 423 -5.98 -9.61 6.03
N VAL A 424 -7.12 -10.23 6.33
CA VAL A 424 -8.17 -10.50 5.31
C VAL A 424 -8.66 -9.13 4.86
N ASP A 425 -8.83 -8.96 3.55
CA ASP A 425 -9.32 -7.70 2.95
C ASP A 425 -10.25 -8.06 1.78
N ASP A 426 -11.40 -7.39 1.71
CA ASP A 426 -12.42 -7.63 0.66
CA ASP A 426 -12.43 -7.59 0.66
C ASP A 426 -11.84 -7.21 -0.71
N GLY A 427 -10.88 -6.30 -0.74
CA GLY A 427 -10.26 -5.90 -2.02
C GLY A 427 -9.38 -6.99 -2.59
N TRP A 428 -9.12 -8.08 -1.86
CA TRP A 428 -8.27 -9.20 -2.36
C TRP A 428 -9.13 -10.41 -2.70
N GLY A 429 -10.14 -10.72 -1.89
CA GLY A 429 -11.30 -11.52 -2.34
C GLY A 429 -11.11 -13.03 -2.25
N GLU A 430 -9.97 -13.48 -1.76
CA GLU A 430 -9.67 -14.89 -1.45
C GLU A 430 -10.61 -15.36 -0.31
N SER A 431 -11.02 -16.63 -0.34
CA SER A 431 -11.85 -17.28 0.73
C SER A 431 -11.03 -17.54 2.01
N SER A 432 -11.65 -17.40 3.19
CA SER A 432 -11.06 -17.65 4.54
C SER A 432 -11.02 -19.15 4.89
C ACT B . -4.51 22.46 -12.80
O ACT B . -5.59 22.04 -13.28
OXT ACT B . -3.40 21.84 -12.88
CH3 ACT B . -4.53 23.84 -12.12
OH2 1PE C . -13.63 1.73 4.08
C12 1PE C . -13.00 0.50 3.71
C22 1PE C . -13.94 -0.31 2.88
OH3 1PE C . -13.30 -1.42 2.25
C13 1PE C . -15.39 -2.28 1.34
C23 1PE C . -13.96 -1.84 1.06
OH4 1PE C . -16.07 -2.65 0.13
C14 1PE C . -18.11 -1.57 -0.56
C24 1PE C . -16.61 -1.57 -0.63
OH5 1PE C . -18.58 -0.25 -0.35
C15 1PE C . -19.66 1.25 1.16
C25 1PE C . -19.64 -0.14 0.61
OH6 1PE C . -20.04 1.26 2.53
C16 1PE C . -18.56 2.18 4.23
C26 1PE C . -19.02 0.95 3.48
OH7 1PE C . -17.13 2.32 4.29
#